data_4KS2
#
_entry.id   4KS2
#
_cell.length_a   89.719
_cell.length_b   89.719
_cell.length_c   93.739
_cell.angle_alpha   90.00
_cell.angle_beta   90.00
_cell.angle_gamma   90.00
#
_symmetry.space_group_name_H-M   'I 4'
#
loop_
_entity.id
_entity.type
_entity.pdbx_description
1 polymer Neuraminidase
2 non-polymer 'CALCIUM ION'
3 non-polymer '(3S,4R,5R)-4-(acetylamino)-3-carbamimidamido-5-(pentan-3-yloxy)cyclohex-1-ene-1-carboxylic acid'
4 water water
#
_entity_poly.entity_id   1
_entity_poly.type   'polypeptide(L)'
_entity_poly.pdbx_seq_one_letter_code
;TYMNNTEAICDVKGFAPFSKDNGIRIGSRGHIFVIREPFVSCSPIECRTFFLTQGSLLNDKHSNGTVKDRSPFRTLMSVK
VGQSPNVYQARFEAVAWSATACHDGKKWMTVGVTGPDSKAVAVIHYGGVPTDVINSWAGDILRTQESSCTCIQGDCYWVM
TDGPANRQAQYRIYKANQGRIIGQADISFNGGHIEECSCYPNDGKVECVCRDNWTGTNRPVLVISPDLSYRVGYLCAGIP
SDTPRGEDAQFTGSCTSPMGNQGYGVKGFGFRQGTDVWMGRTISRTSRSGFEILRIKNGWTQTSKEQVRKQVVVDNLNWS
GYSGSFTLPVELSGKDCLVPCFWVEMIRGKPEEKTIWTSSSSIVMCGVDYEIADWSWHDGAILPFDIDKM
;
_entity_poly.pdbx_strand_id   A
#
# COMPACT_ATOMS: atom_id res chain seq x y z
N THR A 1 -16.92 -2.19 -22.67
CA THR A 1 -15.59 -2.79 -22.80
C THR A 1 -14.77 -2.64 -21.52
N TYR A 2 -14.22 -3.74 -21.04
CA TYR A 2 -13.44 -3.70 -19.81
C TYR A 2 -11.94 -3.51 -20.06
N MET A 3 -11.24 -3.11 -19.00
CA MET A 3 -9.79 -3.05 -18.98
C MET A 3 -9.30 -4.38 -18.49
N ASN A 4 -8.86 -5.20 -19.44
CA ASN A 4 -8.65 -6.63 -19.19
C ASN A 4 -7.52 -6.97 -18.20
N ASN A 5 -6.46 -6.17 -18.20
CA ASN A 5 -5.37 -6.31 -17.24
C ASN A 5 -4.88 -7.73 -17.10
N THR A 6 -4.68 -8.40 -18.23
CA THR A 6 -4.37 -9.82 -18.21
C THR A 6 -2.88 -10.13 -18.46
N GLU A 7 -2.12 -9.10 -18.81
CA GLU A 7 -0.73 -9.26 -19.25
C GLU A 7 0.25 -9.67 -18.16
N ALA A 8 1.51 -9.78 -18.55
CA ALA A 8 2.57 -10.09 -17.62
C ALA A 8 3.16 -8.79 -17.09
N ILE A 9 3.67 -8.83 -15.87
CA ILE A 9 4.38 -7.68 -15.33
C ILE A 9 5.70 -7.53 -16.08
N CYS A 10 5.96 -6.32 -16.58
CA CYS A 10 7.19 -6.04 -17.30
C CYS A 10 8.38 -6.42 -16.46
N ASP A 11 9.51 -6.63 -17.11
CA ASP A 11 10.75 -6.81 -16.40
C ASP A 11 11.48 -5.49 -16.50
N VAL A 12 11.66 -4.83 -15.37
CA VAL A 12 12.28 -3.53 -15.35
C VAL A 12 13.61 -3.58 -14.62
N LYS A 13 14.53 -2.71 -15.03
CA LYS A 13 15.87 -2.64 -14.49
C LYS A 13 15.98 -1.53 -13.46
N GLY A 14 15.05 -0.58 -13.49
CA GLY A 14 15.08 0.51 -12.53
C GLY A 14 13.83 1.35 -12.50
N PHE A 15 13.79 2.31 -11.59
CA PHE A 15 12.58 3.09 -11.37
C PHE A 15 12.81 4.59 -11.50
N ALA A 16 12.00 5.23 -12.34
CA ALA A 16 12.03 6.68 -12.49
C ALA A 16 10.88 7.27 -11.73
N PRO A 17 11.05 8.51 -11.23
CA PRO A 17 9.98 9.20 -10.51
C PRO A 17 8.77 9.46 -11.39
N PHE A 18 7.58 9.23 -10.85
CA PHE A 18 6.34 9.56 -11.52
C PHE A 18 5.94 10.93 -10.99
N SER A 19 5.84 11.02 -9.67
CA SER A 19 5.25 12.21 -9.06
C SER A 19 5.76 12.51 -7.66
N LYS A 20 5.51 13.72 -7.19
CA LYS A 20 5.80 14.12 -5.82
C LYS A 20 4.92 15.33 -5.49
N ASP A 21 4.09 15.22 -4.46
CA ASP A 21 3.06 16.23 -4.22
C ASP A 21 3.44 17.37 -3.29
N ASN A 22 4.47 17.18 -2.48
CA ASN A 22 4.88 18.19 -1.51
C ASN A 22 3.72 18.61 -0.60
N GLY A 23 2.89 17.63 -0.22
CA GLY A 23 1.65 17.91 0.47
C GLY A 23 1.80 18.64 1.78
N ILE A 24 2.82 18.26 2.54
CA ILE A 24 3.07 18.83 3.85
C ILE A 24 3.70 20.22 3.81
N ARG A 25 4.70 20.41 2.95
CA ARG A 25 5.32 21.71 2.74
C ARG A 25 4.29 22.73 2.27
N ILE A 26 3.40 22.28 1.39
CA ILE A 26 2.37 23.17 0.88
C ILE A 26 1.35 23.46 1.99
N GLY A 27 1.11 22.47 2.84
CA GLY A 27 0.14 22.57 3.91
C GLY A 27 0.52 23.51 5.03
N SER A 28 1.70 24.13 4.91
CA SER A 28 2.19 25.10 5.89
C SER A 28 1.51 26.42 5.71
N ARG A 29 0.81 26.55 4.61
CA ARG A 29 0.16 27.80 4.24
C ARG A 29 -1.05 27.46 3.40
N GLY A 30 -0.95 26.35 2.68
CA GLY A 30 -2.02 25.89 1.85
C GLY A 30 -3.09 25.23 2.69
N HIS A 31 -4.20 24.91 2.03
CA HIS A 31 -5.32 24.21 2.65
C HIS A 31 -5.31 22.75 2.27
N ILE A 32 -4.46 22.00 2.98
CA ILE A 32 -4.21 20.61 2.70
C ILE A 32 -4.78 19.75 3.84
N PHE A 33 -5.37 18.62 3.49
CA PHE A 33 -5.89 17.72 4.51
C PHE A 33 -4.77 17.10 5.31
N VAL A 34 -5.01 16.88 6.61
CA VAL A 34 -4.15 16.02 7.42
C VAL A 34 -4.56 14.64 7.00
N ILE A 35 -3.60 13.83 6.57
CA ILE A 35 -3.93 12.49 6.07
C ILE A 35 -2.86 11.44 6.34
N ARG A 36 -3.25 10.18 6.19
CA ARG A 36 -2.35 9.05 6.35
C ARG A 36 -2.74 7.94 5.38
N GLU A 37 -1.83 7.01 5.14
CA GLU A 37 -2.08 5.91 4.19
C GLU A 37 -2.42 6.24 2.74
N PRO A 38 -1.66 7.15 2.10
CA PRO A 38 -2.05 7.50 0.74
C PRO A 38 -1.69 6.35 -0.17
N PHE A 39 -2.29 6.27 -1.35
CA PHE A 39 -1.89 5.28 -2.33
C PHE A 39 -2.36 5.69 -3.72
N VAL A 40 -1.85 5.01 -4.73
CA VAL A 40 -2.15 5.35 -6.11
C VAL A 40 -2.81 4.17 -6.80
N SER A 41 -3.61 4.46 -7.81
CA SER A 41 -4.33 3.49 -8.62
C SER A 41 -4.62 4.22 -9.93
N CYS A 42 -4.86 3.49 -11.02
CA CYS A 42 -5.05 4.17 -12.30
C CYS A 42 -6.26 3.66 -13.06
N SER A 43 -6.78 4.51 -13.95
CA SER A 43 -7.84 4.12 -14.86
C SER A 43 -7.25 4.17 -16.25
N PRO A 44 -8.03 3.80 -17.29
CA PRO A 44 -7.47 3.99 -18.63
C PRO A 44 -7.20 5.44 -19.01
N ILE A 45 -7.53 6.39 -18.15
CA ILE A 45 -7.43 7.81 -18.49
C ILE A 45 -6.59 8.65 -17.51
N GLU A 46 -6.56 8.25 -16.24
CA GLU A 46 -5.76 8.97 -15.23
C GLU A 46 -5.29 8.06 -14.12
N CYS A 47 -4.22 8.47 -13.46
CA CYS A 47 -3.81 7.86 -12.20
C CYS A 47 -4.20 8.83 -11.10
N ARG A 48 -4.82 8.34 -10.04
CA ARG A 48 -5.22 9.18 -8.93
C ARG A 48 -4.48 8.81 -7.66
N THR A 49 -4.40 9.76 -6.71
CA THR A 49 -3.84 9.51 -5.39
C THR A 49 -4.95 9.42 -4.36
N PHE A 50 -5.18 8.23 -3.82
CA PHE A 50 -6.16 8.09 -2.76
C PHE A 50 -5.49 8.33 -1.44
N PHE A 51 -6.28 8.73 -0.45
CA PHE A 51 -5.76 8.99 0.88
C PHE A 51 -6.85 8.98 1.95
N LEU A 52 -6.46 8.79 3.20
CA LEU A 52 -7.39 8.87 4.30
C LEU A 52 -7.20 10.22 4.99
N THR A 53 -8.25 11.03 4.98
CA THR A 53 -8.20 12.32 5.66
C THR A 53 -8.41 12.15 7.15
N GLN A 54 -8.02 13.16 7.90
CA GLN A 54 -8.28 13.17 9.32
C GLN A 54 -9.41 14.16 9.56
N GLY A 55 -10.20 14.39 8.52
CA GLY A 55 -11.26 15.35 8.57
C GLY A 55 -10.82 16.70 9.08
N SER A 56 -9.59 17.09 8.79
CA SER A 56 -9.08 18.38 9.22
C SER A 56 -7.89 18.79 8.38
N LEU A 57 -7.26 19.91 8.72
CA LEU A 57 -6.23 20.47 7.84
C LEU A 57 -4.93 20.73 8.60
N LEU A 58 -3.82 20.72 7.87
CA LEU A 58 -2.53 21.05 8.46
C LEU A 58 -2.55 22.48 9.00
N ASN A 59 -1.72 22.76 10.00
CA ASN A 59 -1.65 24.07 10.66
C ASN A 59 -2.96 24.52 11.33
N ASP A 60 -3.86 23.59 11.58
CA ASP A 60 -5.10 23.91 12.27
C ASP A 60 -5.26 23.08 13.54
N LYS A 61 -5.98 23.61 14.51
CA LYS A 61 -6.09 22.97 15.82
C LYS A 61 -6.72 21.57 15.75
N HIS A 62 -7.57 21.35 14.74
CA HIS A 62 -8.23 20.05 14.59
C HIS A 62 -7.25 18.96 14.14
N SER A 63 -6.01 19.36 13.87
CA SER A 63 -4.96 18.41 13.52
C SER A 63 -4.32 17.79 14.76
N ASN A 64 -4.81 18.17 15.94
CA ASN A 64 -4.30 17.64 17.20
C ASN A 64 -4.73 16.19 17.40
N GLY A 65 -3.79 15.36 17.85
CA GLY A 65 -4.07 13.96 18.07
C GLY A 65 -4.30 13.19 16.79
N THR A 66 -3.75 13.71 15.69
CA THR A 66 -3.91 13.07 14.39
C THR A 66 -3.04 11.83 14.27
N VAL A 67 -2.37 11.48 15.36
CA VAL A 67 -1.63 10.24 15.41
C VAL A 67 -2.65 9.11 15.51
N LYS A 68 -3.87 9.43 15.91
CA LYS A 68 -4.89 8.39 16.09
C LYS A 68 -5.20 7.71 14.78
N ASP A 69 -5.35 6.39 14.83
CA ASP A 69 -5.57 5.60 13.63
C ASP A 69 -6.99 5.68 13.12
N ARG A 70 -7.95 5.49 14.00
CA ARG A 70 -9.33 5.41 13.57
C ARG A 70 -10.13 6.49 14.24
N SER A 71 -11.06 7.08 13.48
CA SER A 71 -11.89 8.16 13.97
C SER A 71 -13.13 8.27 13.10
N PRO A 72 -14.21 8.87 13.63
CA PRO A 72 -15.45 9.01 12.88
C PRO A 72 -15.32 10.03 11.76
N PHE A 73 -14.23 10.76 11.75
CA PHE A 73 -14.05 11.90 10.86
C PHE A 73 -13.19 11.55 9.66
N ARG A 74 -12.60 10.36 9.68
CA ARG A 74 -11.66 9.94 8.63
C ARG A 74 -12.38 9.50 7.38
N THR A 75 -12.03 10.11 6.25
CA THR A 75 -12.70 9.84 4.99
C THR A 75 -11.72 9.55 3.90
N LEU A 76 -12.12 8.69 2.96
CA LEU A 76 -11.34 8.43 1.76
C LEU A 76 -11.71 9.47 0.71
N MET A 77 -10.68 10.15 0.20
CA MET A 77 -10.83 11.10 -0.89
C MET A 77 -9.77 10.81 -1.92
N SER A 78 -9.76 11.59 -3.01
CA SER A 78 -8.79 11.36 -4.06
C SER A 78 -8.52 12.61 -4.85
N VAL A 79 -7.35 12.65 -5.48
CA VAL A 79 -6.90 13.76 -6.30
C VAL A 79 -6.18 13.14 -7.47
N LYS A 80 -5.63 13.96 -8.36
CA LYS A 80 -4.80 13.46 -9.44
C LYS A 80 -3.40 13.14 -8.92
N VAL A 81 -2.78 12.09 -9.44
CA VAL A 81 -1.47 11.69 -8.99
C VAL A 81 -0.49 12.84 -9.12
N GLY A 82 0.24 13.11 -8.04
CA GLY A 82 1.12 14.25 -8.01
C GLY A 82 0.53 15.49 -7.36
N GLN A 83 -0.79 15.63 -7.41
CA GLN A 83 -1.44 16.77 -6.75
C GLN A 83 -1.37 16.57 -5.26
N SER A 84 -1.54 17.67 -4.53
CA SER A 84 -1.57 17.61 -3.08
C SER A 84 -2.97 17.25 -2.64
N PRO A 85 -3.09 16.48 -1.55
CA PRO A 85 -4.43 16.22 -1.02
C PRO A 85 -5.06 17.50 -0.49
N ASN A 86 -5.34 18.44 -1.40
CA ASN A 86 -5.96 19.68 -1.00
C ASN A 86 -7.46 19.54 -1.00
N VAL A 87 -8.13 20.48 -0.37
CA VAL A 87 -9.59 20.49 -0.30
C VAL A 87 -10.20 20.73 -1.66
N TYR A 88 -9.58 21.60 -2.44
CA TYR A 88 -10.24 22.21 -3.59
C TYR A 88 -10.10 21.42 -4.90
N GLN A 89 -9.35 20.33 -4.85
CA GLN A 89 -9.30 19.40 -5.97
C GLN A 89 -9.69 17.99 -5.56
N ALA A 90 -10.26 17.86 -4.37
CA ALA A 90 -10.51 16.55 -3.82
C ALA A 90 -11.87 15.99 -4.19
N ARG A 91 -11.89 14.71 -4.54
CA ARG A 91 -13.13 14.02 -4.80
C ARG A 91 -13.51 13.23 -3.54
N PHE A 92 -14.72 13.38 -3.04
CA PHE A 92 -15.09 12.52 -1.91
C PHE A 92 -15.27 11.09 -2.41
N GLU A 93 -14.79 10.13 -1.61
CA GLU A 93 -14.84 8.73 -2.02
C GLU A 93 -15.68 7.85 -1.11
N ALA A 94 -15.33 7.83 0.16
CA ALA A 94 -16.02 7.00 1.14
C ALA A 94 -15.62 7.45 2.53
N VAL A 95 -16.49 7.21 3.50
CA VAL A 95 -16.10 7.37 4.89
C VAL A 95 -15.22 6.18 5.25
N ALA A 96 -13.98 6.44 5.67
CA ALA A 96 -13.04 5.35 5.85
C ALA A 96 -11.85 5.68 6.75
N TRP A 97 -11.51 4.75 7.63
CA TRP A 97 -10.20 4.80 8.30
C TRP A 97 -9.28 3.65 7.89
N SER A 98 -9.74 2.90 6.88
CA SER A 98 -8.98 1.85 6.22
C SER A 98 -9.65 1.67 4.87
N ALA A 99 -8.88 1.52 3.80
CA ALA A 99 -9.48 1.56 2.47
C ALA A 99 -8.69 0.84 1.40
N THR A 100 -9.31 0.76 0.23
CA THR A 100 -8.66 0.31 -0.98
C THR A 100 -9.51 0.88 -2.12
N ALA A 101 -8.91 1.12 -3.27
CA ALA A 101 -9.67 1.61 -4.42
C ALA A 101 -9.00 1.16 -5.70
N CYS A 102 -9.80 0.93 -6.74
CA CYS A 102 -9.28 0.47 -8.03
C CYS A 102 -10.32 0.57 -9.14
N HIS A 103 -9.83 0.66 -10.38
CA HIS A 103 -10.68 0.90 -11.55
C HIS A 103 -10.83 -0.36 -12.37
N ASP A 104 -12.03 -0.59 -12.91
CA ASP A 104 -12.31 -1.81 -13.67
C ASP A 104 -12.38 -1.62 -15.17
N GLY A 105 -11.96 -0.45 -15.64
CA GLY A 105 -12.04 -0.11 -17.03
C GLY A 105 -13.26 0.71 -17.34
N LYS A 106 -14.30 0.57 -16.52
CA LYS A 106 -15.52 1.32 -16.74
C LYS A 106 -15.79 2.34 -15.62
N LYS A 107 -15.47 1.97 -14.38
CA LYS A 107 -15.74 2.84 -13.22
C LYS A 107 -14.84 2.51 -12.02
N TRP A 108 -14.62 3.51 -11.15
CA TRP A 108 -13.86 3.31 -9.93
C TRP A 108 -14.66 2.50 -8.92
N MET A 109 -14.04 1.46 -8.38
CA MET A 109 -14.58 0.79 -7.22
C MET A 109 -13.72 1.23 -6.05
N THR A 110 -14.37 1.56 -4.94
CA THR A 110 -13.63 1.92 -3.74
C THR A 110 -14.31 1.22 -2.60
N VAL A 111 -13.51 0.79 -1.62
CA VAL A 111 -14.04 0.17 -0.42
C VAL A 111 -13.59 1.03 0.75
N GLY A 112 -14.50 1.34 1.65
CA GLY A 112 -14.16 2.17 2.78
C GLY A 112 -14.69 1.53 4.04
N VAL A 113 -13.78 1.21 4.95
CA VAL A 113 -14.15 0.50 6.15
C VAL A 113 -14.24 1.56 7.21
N THR A 114 -15.39 1.62 7.86
CA THR A 114 -15.53 2.54 8.98
C THR A 114 -16.46 1.96 10.02
N GLY A 115 -16.70 2.72 11.07
CA GLY A 115 -17.54 2.26 12.15
C GLY A 115 -16.79 1.96 13.44
N PRO A 116 -17.44 1.23 14.35
CA PRO A 116 -16.82 0.86 15.62
C PRO A 116 -15.91 -0.34 15.45
N ASP A 117 -14.83 -0.39 16.24
CA ASP A 117 -13.87 -1.48 16.19
C ASP A 117 -14.47 -2.88 16.19
N SER A 118 -15.45 -3.12 17.07
CA SER A 118 -15.97 -4.46 17.27
C SER A 118 -17.01 -4.87 16.25
N LYS A 119 -17.48 -3.92 15.43
CA LYS A 119 -18.48 -4.21 14.41
C LYS A 119 -18.34 -3.30 13.19
N ALA A 120 -17.13 -3.19 12.64
CA ALA A 120 -16.92 -2.29 11.51
C ALA A 120 -17.66 -2.74 10.25
N VAL A 121 -18.13 -1.76 9.48
CA VAL A 121 -18.75 -2.00 8.20
C VAL A 121 -17.82 -1.51 7.09
N ALA A 122 -17.71 -2.29 6.03
CA ALA A 122 -16.98 -1.85 4.86
C ALA A 122 -17.98 -1.49 3.78
N VAL A 123 -18.05 -0.21 3.45
CA VAL A 123 -18.94 0.25 2.40
C VAL A 123 -18.28 0.18 1.02
N ILE A 124 -18.85 -0.63 0.14
CA ILE A 124 -18.34 -0.75 -1.21
C ILE A 124 -18.99 0.31 -2.11
N HIS A 125 -18.18 1.21 -2.62
CA HIS A 125 -18.65 2.19 -3.59
C HIS A 125 -18.22 1.76 -4.97
N TYR A 126 -19.09 1.95 -5.94
CA TYR A 126 -18.72 1.79 -7.33
C TYR A 126 -19.30 2.99 -8.06
N GLY A 127 -18.45 3.73 -8.75
CA GLY A 127 -18.91 4.90 -9.48
C GLY A 127 -19.41 5.99 -8.54
N GLY A 128 -18.85 6.05 -7.34
CA GLY A 128 -19.17 7.11 -6.41
C GLY A 128 -20.56 7.03 -5.80
N VAL A 129 -21.00 5.81 -5.54
CA VAL A 129 -22.33 5.52 -5.02
C VAL A 129 -22.26 4.15 -4.38
N PRO A 130 -22.60 4.05 -3.08
CA PRO A 130 -22.54 2.78 -2.34
C PRO A 130 -23.36 1.70 -3.04
N THR A 131 -22.84 0.48 -3.09
CA THR A 131 -23.48 -0.60 -3.83
C THR A 131 -23.57 -1.90 -3.04
N ASP A 132 -22.56 -2.13 -2.22
CA ASP A 132 -22.52 -3.34 -1.41
C ASP A 132 -22.00 -3.05 -0.01
N VAL A 133 -21.89 -4.10 0.81
CA VAL A 133 -21.48 -3.93 2.19
C VAL A 133 -20.92 -5.21 2.78
N ILE A 134 -19.79 -5.09 3.47
CA ILE A 134 -19.19 -6.22 4.18
C ILE A 134 -19.06 -5.89 5.67
N ASN A 135 -19.75 -6.66 6.50
CA ASN A 135 -19.68 -6.49 7.95
C ASN A 135 -18.50 -7.25 8.54
N SER A 136 -18.02 -6.79 9.69
CA SER A 136 -16.93 -7.48 10.36
C SER A 136 -17.33 -8.89 10.75
N TRP A 137 -16.62 -9.87 10.21
CA TRP A 137 -16.94 -11.28 10.47
C TRP A 137 -16.29 -11.83 11.74
N ALA A 138 -15.23 -11.17 12.21
CA ALA A 138 -14.52 -11.65 13.39
C ALA A 138 -14.50 -10.64 14.56
N GLY A 139 -15.07 -9.46 14.34
CA GLY A 139 -15.29 -8.52 15.42
C GLY A 139 -14.09 -7.80 15.99
N ASP A 140 -13.07 -7.57 15.17
CA ASP A 140 -11.87 -6.89 15.66
C ASP A 140 -11.17 -6.12 14.56
N ILE A 141 -11.57 -4.86 14.39
CA ILE A 141 -10.97 -3.94 13.42
C ILE A 141 -10.89 -4.41 11.95
N LEU A 142 -12.01 -4.80 11.38
CA LEU A 142 -12.06 -5.11 9.96
C LEU A 142 -11.29 -4.10 9.13
N ARG A 143 -10.32 -4.55 8.36
CA ARG A 143 -9.45 -3.63 7.62
C ARG A 143 -9.08 -4.15 6.23
N THR A 144 -8.37 -3.33 5.47
CA THR A 144 -7.99 -3.71 4.11
C THR A 144 -6.64 -3.14 3.64
N GLN A 145 -6.34 -3.37 2.37
CA GLN A 145 -5.01 -3.14 1.80
C GLN A 145 -4.32 -1.83 2.15
N GLU A 146 -5.06 -0.74 2.15
CA GLU A 146 -4.47 0.58 2.33
C GLU A 146 -3.64 0.89 1.08
N SER A 147 -4.03 0.24 -0.02
CA SER A 147 -3.45 0.45 -1.34
C SER A 147 -4.39 -0.08 -2.42
N SER A 148 -4.02 0.14 -3.68
CA SER A 148 -4.81 -0.30 -4.83
C SER A 148 -5.32 -1.74 -4.71
N CYS A 149 -6.62 -1.93 -4.95
CA CYS A 149 -7.16 -3.27 -5.15
C CYS A 149 -6.89 -3.61 -6.60
N THR A 150 -7.32 -4.79 -7.04
CA THR A 150 -6.89 -5.26 -8.35
C THR A 150 -8.03 -5.74 -9.22
N CYS A 151 -8.11 -5.23 -10.44
CA CYS A 151 -9.20 -5.57 -11.35
C CYS A 151 -8.67 -6.26 -12.59
N ILE A 152 -9.23 -7.44 -12.88
CA ILE A 152 -8.84 -8.24 -14.02
C ILE A 152 -10.07 -8.68 -14.77
N GLN A 153 -10.19 -8.23 -16.03
CA GLN A 153 -11.33 -8.60 -16.89
C GLN A 153 -12.70 -8.26 -16.32
N GLY A 154 -12.79 -7.20 -15.53
CA GLY A 154 -14.08 -6.75 -15.04
C GLY A 154 -14.40 -7.10 -13.61
N ASP A 155 -13.65 -8.03 -13.03
CA ASP A 155 -13.85 -8.43 -11.64
C ASP A 155 -12.73 -7.84 -10.80
N CYS A 156 -13.04 -7.46 -9.57
CA CYS A 156 -12.07 -6.76 -8.75
C CYS A 156 -11.77 -7.55 -7.50
N TYR A 157 -10.49 -7.79 -7.24
CA TYR A 157 -10.05 -8.66 -6.16
C TYR A 157 -9.31 -7.87 -5.09
N TRP A 158 -9.63 -8.14 -3.83
CA TRP A 158 -8.91 -7.51 -2.75
C TRP A 158 -8.92 -8.36 -1.50
N VAL A 159 -8.06 -8.01 -0.55
CA VAL A 159 -7.88 -8.79 0.65
C VAL A 159 -8.25 -7.99 1.88
N MET A 160 -9.04 -8.59 2.76
CA MET A 160 -9.37 -7.95 4.03
C MET A 160 -8.81 -8.75 5.19
N THR A 161 -8.98 -8.22 6.40
CA THR A 161 -8.46 -8.83 7.60
C THR A 161 -9.36 -8.49 8.78
N ASP A 162 -9.59 -9.46 9.65
CA ASP A 162 -10.33 -9.23 10.89
C ASP A 162 -9.68 -10.07 11.95
N GLY A 163 -9.43 -9.49 13.11
CA GLY A 163 -8.81 -10.20 14.20
C GLY A 163 -7.69 -9.38 14.80
N PRO A 164 -7.00 -9.94 15.80
CA PRO A 164 -5.89 -9.30 16.51
C PRO A 164 -4.86 -8.70 15.56
N ALA A 165 -4.15 -7.68 16.01
CA ALA A 165 -3.06 -7.10 15.25
C ALA A 165 -1.72 -7.65 15.71
N ASN A 166 -1.76 -8.52 16.72
CA ASN A 166 -0.56 -9.04 17.37
C ASN A 166 -0.40 -10.57 17.35
N ARG A 167 -1.44 -11.29 16.96
CA ARG A 167 -1.44 -12.75 16.96
C ARG A 167 -2.21 -13.24 15.74
N GLN A 168 -2.62 -14.51 15.74
CA GLN A 168 -3.46 -15.01 14.66
C GLN A 168 -4.66 -14.11 14.45
N ALA A 169 -5.00 -13.87 13.19
CA ALA A 169 -6.21 -13.15 12.87
C ALA A 169 -6.91 -13.95 11.80
N GLN A 170 -7.79 -13.30 11.06
CA GLN A 170 -8.47 -13.95 9.95
C GLN A 170 -8.44 -13.05 8.74
N TYR A 171 -8.20 -13.65 7.58
CA TYR A 171 -8.02 -12.89 6.36
C TYR A 171 -8.88 -13.52 5.30
N ARG A 172 -9.47 -12.69 4.45
CA ARG A 172 -10.26 -13.19 3.34
C ARG A 172 -9.91 -12.51 2.03
N ILE A 173 -10.44 -13.07 0.96
CA ILE A 173 -10.31 -12.50 -0.36
C ILE A 173 -11.71 -12.10 -0.80
N TYR A 174 -11.88 -10.89 -1.32
CA TYR A 174 -13.18 -10.52 -1.86
C TYR A 174 -13.08 -10.20 -3.34
N LYS A 175 -14.14 -10.51 -4.07
CA LYS A 175 -14.21 -10.32 -5.50
C LYS A 175 -15.55 -9.72 -5.83
N ALA A 176 -15.55 -8.65 -6.58
CA ALA A 176 -16.81 -7.99 -6.92
C ALA A 176 -16.94 -7.74 -8.41
N ASN A 177 -18.16 -7.45 -8.82
CA ASN A 177 -18.42 -7.08 -10.20
C ASN A 177 -19.34 -5.87 -10.21
N GLN A 178 -18.87 -4.75 -10.77
CA GLN A 178 -19.63 -3.49 -10.75
C GLN A 178 -20.20 -3.17 -9.38
N GLY A 179 -19.37 -3.32 -8.36
CA GLY A 179 -19.73 -2.93 -7.01
C GLY A 179 -20.39 -4.04 -6.23
N ARG A 180 -20.82 -5.10 -6.91
CA ARG A 180 -21.51 -6.21 -6.28
C ARG A 180 -20.56 -7.31 -5.91
N ILE A 181 -20.65 -7.74 -4.66
CA ILE A 181 -19.89 -8.89 -4.19
C ILE A 181 -20.40 -10.20 -4.77
N ILE A 182 -19.54 -10.87 -5.55
CA ILE A 182 -19.91 -12.13 -6.21
C ILE A 182 -19.11 -13.31 -5.70
N GLY A 183 -18.22 -13.05 -4.75
CA GLY A 183 -17.36 -14.11 -4.25
C GLY A 183 -16.52 -13.67 -3.06
N GLN A 184 -16.14 -14.66 -2.26
CA GLN A 184 -15.22 -14.46 -1.14
C GLN A 184 -14.61 -15.79 -0.74
N ALA A 185 -13.56 -15.75 0.08
CA ALA A 185 -12.82 -16.96 0.39
C ALA A 185 -12.09 -16.75 1.70
N ASP A 186 -11.97 -17.83 2.48
CA ASP A 186 -11.15 -17.79 3.66
C ASP A 186 -9.76 -18.27 3.31
N ILE A 187 -8.75 -17.56 3.81
CA ILE A 187 -7.38 -17.95 3.62
C ILE A 187 -6.88 -18.75 4.80
N SER A 188 -6.42 -19.97 4.55
CA SER A 188 -5.89 -20.81 5.62
C SER A 188 -4.40 -20.57 5.81
N PHE A 189 -4.05 -19.87 6.89
CA PHE A 189 -2.68 -19.44 7.14
C PHE A 189 -2.38 -19.54 8.63
N ASN A 190 -2.39 -20.75 9.17
CA ASN A 190 -2.10 -20.93 10.59
C ASN A 190 -0.62 -20.71 10.88
N GLY A 191 -0.34 -19.86 11.88
CA GLY A 191 1.04 -19.49 12.16
C GLY A 191 1.48 -18.32 11.30
N GLY A 192 0.57 -17.87 10.44
CA GLY A 192 0.87 -16.76 9.56
C GLY A 192 0.05 -15.55 9.93
N HIS A 193 0.34 -14.42 9.30
CA HIS A 193 -0.36 -13.19 9.59
C HIS A 193 -0.27 -12.23 8.41
N ILE A 194 -1.42 -11.78 7.91
CA ILE A 194 -1.50 -10.96 6.71
C ILE A 194 -2.21 -9.61 6.93
N GLU A 195 -1.46 -8.52 6.85
CA GLU A 195 -2.04 -7.18 6.96
C GLU A 195 -1.70 -6.35 5.74
N GLU A 196 -2.64 -5.50 5.30
CA GLU A 196 -2.36 -4.44 4.34
C GLU A 196 -1.59 -4.91 3.10
N CYS A 197 -2.15 -5.86 2.38
CA CYS A 197 -1.46 -6.37 1.21
C CYS A 197 -1.24 -5.29 0.15
N SER A 198 -0.22 -5.51 -0.66
CA SER A 198 0.05 -4.66 -1.80
C SER A 198 0.03 -5.56 -3.01
N CYS A 199 -1.03 -5.45 -3.81
CA CYS A 199 -1.28 -6.39 -4.88
C CYS A 199 -1.09 -5.77 -6.26
N TYR A 200 -1.05 -6.62 -7.28
CA TYR A 200 -0.97 -6.16 -8.66
C TYR A 200 -1.36 -7.32 -9.55
N PRO A 201 -1.62 -7.08 -10.86
CA PRO A 201 -1.91 -8.16 -11.79
C PRO A 201 -0.65 -8.72 -12.44
N ASN A 202 -0.69 -9.98 -12.88
CA ASN A 202 0.48 -10.67 -13.42
C ASN A 202 0.06 -12.01 -14.01
N ASP A 203 -0.04 -12.09 -15.33
CA ASP A 203 -0.50 -13.31 -16.02
C ASP A 203 -1.93 -13.66 -15.63
N GLY A 204 -2.77 -12.64 -15.49
CA GLY A 204 -4.17 -12.84 -15.16
C GLY A 204 -4.39 -13.33 -13.75
N LYS A 205 -3.48 -13.00 -12.84
CA LYS A 205 -3.62 -13.43 -11.45
C LYS A 205 -3.22 -12.31 -10.49
N VAL A 206 -3.74 -12.35 -9.28
CA VAL A 206 -3.45 -11.31 -8.31
C VAL A 206 -2.27 -11.68 -7.43
N GLU A 207 -1.16 -10.97 -7.59
CA GLU A 207 0.02 -11.20 -6.77
C GLU A 207 0.09 -10.17 -5.67
N CYS A 208 0.27 -10.62 -4.44
CA CYS A 208 0.23 -9.73 -3.30
C CYS A 208 1.40 -9.98 -2.38
N VAL A 209 2.06 -8.91 -1.95
CA VAL A 209 3.09 -9.01 -0.93
C VAL A 209 2.61 -8.23 0.29
N CYS A 210 2.43 -8.92 1.41
CA CYS A 210 1.72 -8.33 2.53
C CYS A 210 2.58 -7.98 3.74
N ARG A 211 1.93 -7.75 4.87
CA ARG A 211 2.59 -7.38 6.10
C ARG A 211 2.25 -8.36 7.22
N ASP A 212 3.28 -8.83 7.90
CA ASP A 212 3.14 -9.72 9.05
C ASP A 212 3.35 -8.86 10.29
N ASN A 213 2.28 -8.63 11.04
CA ASN A 213 2.40 -7.81 12.23
C ASN A 213 2.53 -8.64 13.49
N TRP A 214 2.72 -9.94 13.29
CA TRP A 214 2.78 -10.89 14.39
C TRP A 214 4.23 -11.22 14.75
N THR A 215 4.89 -12.05 13.95
CA THR A 215 6.27 -12.44 14.24
C THR A 215 7.25 -12.42 13.05
N GLY A 216 6.76 -12.31 11.84
CA GLY A 216 7.63 -12.39 10.70
C GLY A 216 8.24 -11.06 10.32
N THR A 217 9.54 -11.06 10.00
CA THR A 217 10.17 -9.87 9.45
C THR A 217 10.32 -10.09 7.96
N ASN A 218 9.77 -11.20 7.50
CA ASN A 218 9.64 -11.49 6.07
C ASN A 218 8.20 -11.22 5.68
N ARG A 219 7.94 -10.95 4.41
CA ARG A 219 6.58 -10.57 3.99
C ARG A 219 5.79 -11.73 3.42
N PRO A 220 4.59 -11.96 3.99
CA PRO A 220 3.72 -12.97 3.40
C PRO A 220 3.36 -12.66 1.96
N VAL A 221 3.37 -13.69 1.12
CA VAL A 221 3.06 -13.56 -0.29
C VAL A 221 1.78 -14.32 -0.59
N LEU A 222 1.05 -13.87 -1.60
CA LEU A 222 -0.22 -14.47 -1.92
C LEU A 222 -0.53 -14.28 -3.40
N VAL A 223 -0.86 -15.37 -4.08
CA VAL A 223 -1.15 -15.31 -5.50
C VAL A 223 -2.54 -15.86 -5.77
N ILE A 224 -3.46 -14.97 -6.14
CA ILE A 224 -4.87 -15.26 -6.23
C ILE A 224 -5.33 -15.45 -7.65
N SER A 225 -5.90 -16.61 -7.94
CA SER A 225 -6.52 -16.85 -9.24
C SER A 225 -7.90 -16.27 -9.19
N PRO A 226 -8.50 -16.03 -10.36
CA PRO A 226 -9.88 -15.54 -10.46
C PRO A 226 -10.96 -16.43 -9.84
N ASP A 227 -10.67 -17.69 -9.60
CA ASP A 227 -11.66 -18.61 -9.04
C ASP A 227 -11.58 -18.61 -7.52
N LEU A 228 -10.64 -17.81 -7.02
CA LEU A 228 -10.42 -17.59 -5.58
C LEU A 228 -9.73 -18.77 -4.89
N SER A 229 -9.16 -19.67 -5.68
CA SER A 229 -8.15 -20.59 -5.17
C SER A 229 -6.87 -19.78 -5.08
N TYR A 230 -6.11 -19.98 -4.00
CA TYR A 230 -4.95 -19.15 -3.74
C TYR A 230 -3.69 -19.94 -3.39
N ARG A 231 -2.56 -19.22 -3.37
CA ARG A 231 -1.29 -19.77 -2.91
C ARG A 231 -0.68 -18.79 -1.91
N VAL A 232 -0.60 -19.20 -0.65
CA VAL A 232 -0.18 -18.30 0.42
C VAL A 232 1.15 -18.74 0.98
N GLY A 233 2.02 -17.80 1.30
CA GLY A 233 3.32 -18.16 1.83
C GLY A 233 4.10 -16.94 2.27
N TYR A 234 5.42 -17.01 2.15
CA TYR A 234 6.25 -15.88 2.46
C TYR A 234 7.17 -15.61 1.29
N LEU A 235 7.66 -14.37 1.21
CA LEU A 235 8.57 -14.03 0.16
C LEU A 235 9.85 -14.80 0.41
N CYS A 236 10.07 -15.82 -0.42
CA CYS A 236 11.21 -16.72 -0.33
C CYS A 236 12.54 -16.07 0.02
N ALA A 237 12.79 -14.90 -0.55
CA ALA A 237 14.13 -14.30 -0.53
C ALA A 237 14.74 -14.23 0.86
N GLY A 238 16.07 -14.43 0.92
CA GLY A 238 16.78 -14.52 2.17
C GLY A 238 17.02 -13.16 2.78
N ILE A 239 16.31 -12.18 2.29
CA ILE A 239 16.41 -10.80 2.78
C ILE A 239 15.07 -10.33 3.37
N PRO A 240 15.10 -9.79 4.59
CA PRO A 240 13.89 -9.31 5.27
C PRO A 240 13.51 -7.89 4.86
N SER A 241 12.24 -7.69 4.54
CA SER A 241 11.81 -6.40 4.01
C SER A 241 10.73 -5.72 4.86
N ASP A 242 10.63 -6.07 6.13
CA ASP A 242 9.69 -5.44 7.05
C ASP A 242 10.49 -4.51 7.95
N THR A 243 9.81 -3.75 8.79
CA THR A 243 10.48 -2.94 9.79
C THR A 243 9.64 -2.90 11.04
N PRO A 244 10.19 -3.33 12.19
CA PRO A 244 11.54 -3.77 12.57
C PRO A 244 11.95 -5.12 12.01
N ARG A 245 13.25 -5.27 11.73
CA ARG A 245 13.80 -6.51 11.19
C ARG A 245 15.26 -6.61 11.66
N GLY A 246 15.83 -7.80 11.56
CA GLY A 246 17.20 -8.00 11.97
C GLY A 246 18.15 -7.69 10.83
N GLU A 247 19.44 -7.91 11.06
CA GLU A 247 20.42 -7.72 10.00
C GLU A 247 20.15 -8.68 8.87
N ASP A 248 20.83 -8.49 7.74
CA ASP A 248 20.64 -9.34 6.58
C ASP A 248 21.42 -10.64 6.74
N ALA A 249 22.39 -10.64 7.65
CA ALA A 249 23.23 -11.81 7.88
C ALA A 249 22.56 -12.80 8.82
N GLN A 250 22.12 -12.32 9.98
CA GLN A 250 21.48 -13.17 10.97
C GLN A 250 20.07 -13.57 10.56
N PHE A 251 19.80 -13.49 9.26
CA PHE A 251 18.51 -13.89 8.73
C PHE A 251 18.65 -15.04 7.74
N THR A 252 17.71 -15.98 7.79
CA THR A 252 17.73 -17.12 6.89
C THR A 252 16.80 -16.92 5.70
N GLY A 253 15.50 -17.07 5.93
CA GLY A 253 14.52 -16.94 4.86
C GLY A 253 13.72 -18.22 4.71
N SER A 254 12.48 -18.08 4.27
CA SER A 254 11.58 -19.21 4.15
C SER A 254 10.59 -18.88 3.07
N CYS A 255 10.16 -19.88 2.32
CA CYS A 255 9.10 -19.68 1.34
C CYS A 255 7.74 -19.85 2.00
N THR A 256 7.75 -20.34 3.23
CA THR A 256 6.56 -20.92 3.80
C THR A 256 6.19 -20.33 5.17
N SER A 257 7.20 -20.15 6.00
CA SER A 257 6.98 -19.81 7.39
C SER A 257 7.51 -18.42 7.74
N PRO A 258 6.97 -17.80 8.79
CA PRO A 258 7.53 -16.52 9.23
C PRO A 258 8.88 -16.66 9.95
N MET A 259 9.83 -15.82 9.57
CA MET A 259 11.15 -15.83 10.20
C MET A 259 11.38 -14.47 10.83
N GLY A 260 12.21 -14.41 11.87
CA GLY A 260 12.65 -13.13 12.39
C GLY A 260 12.56 -12.84 13.89
N ASN A 261 11.52 -13.33 14.55
CA ASN A 261 11.32 -13.15 15.99
C ASN A 261 10.84 -11.76 16.47
N GLN A 262 11.22 -10.69 15.80
CA GLN A 262 10.64 -9.40 16.15
C GLN A 262 9.22 -9.33 15.62
N GLY A 263 8.34 -8.63 16.33
CA GLY A 263 6.97 -8.47 15.90
C GLY A 263 6.81 -7.21 15.06
N TYR A 264 5.74 -6.47 15.30
CA TYR A 264 5.47 -5.20 14.64
C TYR A 264 5.56 -5.26 13.10
N GLY A 265 5.64 -4.10 12.45
CA GLY A 265 5.76 -4.04 11.00
C GLY A 265 5.39 -2.72 10.35
N VAL A 266 5.40 -2.72 9.02
CA VAL A 266 4.97 -1.58 8.21
C VAL A 266 4.49 -2.10 6.87
N LYS A 267 3.51 -1.41 6.27
CA LYS A 267 3.03 -1.84 4.96
C LYS A 267 4.14 -1.71 3.93
N GLY A 268 4.19 -2.65 2.99
CA GLY A 268 5.20 -2.65 1.96
C GLY A 268 4.81 -3.48 0.78
N PHE A 269 5.68 -3.51 -0.23
CA PHE A 269 5.37 -4.13 -1.51
C PHE A 269 6.51 -4.98 -2.08
N GLY A 270 6.20 -5.66 -3.17
CA GLY A 270 7.18 -6.37 -3.96
C GLY A 270 6.62 -6.75 -5.31
N PHE A 271 7.46 -6.75 -6.34
CA PHE A 271 7.07 -7.24 -7.66
C PHE A 271 7.87 -8.46 -8.08
N ARG A 272 7.18 -9.47 -8.61
CA ARG A 272 7.84 -10.62 -9.20
C ARG A 272 8.32 -10.22 -10.59
N GLN A 273 9.45 -10.78 -10.99
CA GLN A 273 10.00 -10.53 -12.31
C GLN A 273 10.50 -11.86 -12.83
N GLY A 274 9.60 -12.85 -12.89
CA GLY A 274 9.98 -14.21 -13.22
C GLY A 274 10.23 -15.02 -11.96
N THR A 275 11.49 -15.33 -11.70
CA THR A 275 11.87 -15.94 -10.43
C THR A 275 12.42 -14.92 -9.44
N ASP A 276 12.80 -13.75 -9.95
CA ASP A 276 13.38 -12.72 -9.11
C ASP A 276 12.28 -11.94 -8.40
N VAL A 277 12.69 -10.92 -7.64
CA VAL A 277 11.75 -10.02 -6.99
C VAL A 277 12.36 -8.63 -6.75
N TRP A 278 11.63 -7.59 -7.12
CA TRP A 278 11.94 -6.26 -6.62
C TRP A 278 11.25 -6.15 -5.27
N MET A 279 12.01 -5.99 -4.19
CA MET A 279 11.40 -5.90 -2.87
C MET A 279 11.63 -4.54 -2.25
N GLY A 280 10.62 -4.05 -1.54
CA GLY A 280 10.70 -2.72 -0.96
C GLY A 280 10.91 -2.73 0.54
N ARG A 281 11.74 -1.81 1.02
CA ARG A 281 12.01 -1.71 2.44
C ARG A 281 12.56 -0.35 2.82
N THR A 282 12.40 0.01 4.10
CA THR A 282 13.02 1.21 4.67
C THR A 282 14.51 0.97 4.82
N ILE A 283 15.30 2.05 4.84
CA ILE A 283 16.75 1.90 5.00
C ILE A 283 17.09 1.50 6.42
N SER A 284 16.62 2.26 7.40
CA SER A 284 16.74 1.87 8.79
C SER A 284 16.17 0.49 9.04
N ARG A 285 16.70 -0.20 10.03
CA ARG A 285 16.23 -1.53 10.34
C ARG A 285 15.19 -1.47 11.46
N THR A 286 15.22 -0.39 12.23
CA THR A 286 14.35 -0.30 13.38
C THR A 286 13.42 0.91 13.34
N SER A 287 13.69 1.85 12.45
CA SER A 287 12.85 3.04 12.32
C SER A 287 12.29 3.21 10.91
N ARG A 288 11.26 4.04 10.78
CA ARG A 288 10.64 4.25 9.49
C ARG A 288 11.34 5.36 8.71
N SER A 289 12.63 5.17 8.48
CA SER A 289 13.44 6.19 7.83
C SER A 289 14.19 5.64 6.63
N GLY A 290 14.23 6.42 5.57
CA GLY A 290 14.91 6.02 4.35
C GLY A 290 14.08 5.06 3.56
N PHE A 291 14.38 4.93 2.26
CA PHE A 291 13.72 3.95 1.44
C PHE A 291 14.55 3.52 0.22
N GLU A 292 14.68 2.22 0.04
CA GLU A 292 15.35 1.66 -1.12
C GLU A 292 14.57 0.48 -1.64
N ILE A 293 14.84 0.11 -2.89
CA ILE A 293 14.25 -1.10 -3.48
C ILE A 293 15.35 -2.04 -4.00
N LEU A 294 15.21 -3.34 -3.78
CA LEU A 294 16.26 -4.31 -4.15
C LEU A 294 15.75 -5.34 -5.15
N ARG A 295 16.61 -5.73 -6.09
CA ARG A 295 16.30 -6.86 -6.96
C ARG A 295 17.08 -8.10 -6.55
N ILE A 296 16.37 -9.11 -6.07
CA ILE A 296 16.99 -10.35 -5.63
C ILE A 296 16.84 -11.41 -6.70
N LYS A 297 17.94 -11.86 -7.28
CA LYS A 297 17.87 -12.92 -8.28
C LYS A 297 17.27 -14.19 -7.70
N ASN A 298 16.27 -14.73 -8.38
CA ASN A 298 15.57 -15.92 -7.93
C ASN A 298 14.88 -15.76 -6.59
N GLY A 299 14.74 -14.52 -6.13
CA GLY A 299 14.21 -14.26 -4.81
C GLY A 299 12.74 -14.57 -4.59
N TRP A 300 11.99 -14.73 -5.67
CA TRP A 300 10.57 -15.01 -5.55
C TRP A 300 10.30 -16.46 -5.18
N THR A 301 11.23 -17.33 -5.56
CA THR A 301 11.06 -18.79 -5.45
C THR A 301 12.14 -19.45 -4.61
N GLN A 302 13.20 -18.72 -4.32
CA GLN A 302 14.27 -19.25 -3.49
C GLN A 302 14.49 -18.38 -2.25
N THR A 303 15.30 -18.88 -1.32
CA THR A 303 15.67 -18.12 -0.14
C THR A 303 16.91 -17.29 -0.47
N SER A 304 17.04 -16.94 -1.74
CA SER A 304 18.21 -16.21 -2.23
C SER A 304 18.32 -14.80 -1.65
N LYS A 305 19.55 -14.32 -1.56
CA LYS A 305 19.85 -12.99 -1.08
C LYS A 305 20.85 -12.36 -2.03
N GLU A 306 20.76 -12.76 -3.29
CA GLU A 306 21.62 -12.25 -4.35
C GLU A 306 21.05 -11.00 -4.95
N GLN A 307 21.73 -9.87 -4.73
CA GLN A 307 21.32 -8.57 -5.25
C GLN A 307 22.05 -8.21 -6.53
N VAL A 308 21.28 -8.04 -7.60
CA VAL A 308 21.84 -7.61 -8.88
C VAL A 308 21.57 -6.12 -9.12
N ARG A 309 20.47 -5.61 -8.59
CA ARG A 309 20.16 -4.18 -8.67
C ARG A 309 19.64 -3.61 -7.36
N LYS A 310 19.88 -2.32 -7.16
CA LYS A 310 19.54 -1.61 -5.94
C LYS A 310 19.38 -0.15 -6.26
N GLN A 311 18.45 0.50 -5.57
CA GLN A 311 18.17 1.92 -5.82
C GLN A 311 17.58 2.61 -4.59
N VAL A 312 18.27 3.64 -4.10
CA VAL A 312 17.78 4.39 -2.95
C VAL A 312 16.88 5.54 -3.39
N VAL A 313 15.73 5.68 -2.74
CA VAL A 313 14.77 6.68 -3.14
C VAL A 313 14.63 7.75 -2.07
N VAL A 314 14.72 7.34 -0.81
CA VAL A 314 14.71 8.23 0.35
C VAL A 314 15.94 7.93 1.19
N ASP A 315 16.73 8.93 1.54
CA ASP A 315 17.92 8.65 2.35
C ASP A 315 17.57 8.42 3.82
N ASN A 316 18.50 7.83 4.58
CA ASN A 316 18.20 7.40 5.94
C ASN A 316 18.28 8.52 6.97
N LEU A 317 18.30 9.75 6.47
CA LEU A 317 18.22 10.92 7.33
C LEU A 317 16.82 11.46 7.27
N ASN A 318 16.03 10.90 6.37
CA ASN A 318 14.68 11.39 6.13
C ASN A 318 13.59 10.35 6.36
N TRP A 319 12.44 10.80 6.84
CA TRP A 319 11.41 9.87 7.27
C TRP A 319 10.70 9.30 6.05
N SER A 320 10.23 8.07 6.17
CA SER A 320 9.41 7.49 5.14
C SER A 320 8.23 6.86 5.83
N GLY A 321 7.90 5.62 5.45
CA GLY A 321 6.84 4.87 6.10
C GLY A 321 6.27 3.79 5.19
N TYR A 322 4.98 3.92 4.88
CA TYR A 322 4.28 2.99 3.99
C TYR A 322 4.80 3.05 2.53
N SER A 323 4.54 1.97 1.81
CA SER A 323 4.84 1.88 0.39
C SER A 323 3.93 0.80 -0.15
N GLY A 324 3.52 0.91 -1.40
CA GLY A 324 2.59 -0.06 -1.95
C GLY A 324 2.71 -0.12 -3.45
N SER A 325 1.98 -1.04 -4.05
CA SER A 325 2.13 -1.31 -5.47
C SER A 325 0.92 -0.87 -6.27
N PHE A 326 1.14 -0.62 -7.56
CA PHE A 326 0.05 -0.47 -8.52
C PHE A 326 0.63 -0.68 -9.91
N THR A 327 -0.22 -0.64 -10.93
CA THR A 327 0.23 -0.79 -12.30
C THR A 327 -0.40 0.20 -13.28
N LEU A 328 0.35 0.55 -14.31
CA LEU A 328 -0.20 1.40 -15.35
C LEU A 328 -0.98 0.52 -16.31
N PRO A 329 -2.19 0.94 -16.64
CA PRO A 329 -2.95 0.22 -17.65
C PRO A 329 -2.22 0.21 -18.98
N VAL A 330 -2.26 -0.92 -19.66
CA VAL A 330 -1.76 -1.05 -21.01
C VAL A 330 -2.33 0.07 -21.91
N GLU A 331 -3.55 0.49 -21.62
CA GLU A 331 -4.17 1.58 -22.36
C GLU A 331 -3.48 2.93 -22.11
N LEU A 332 -2.60 2.97 -21.11
CA LEU A 332 -1.93 4.22 -20.76
C LEU A 332 -0.50 4.30 -21.24
N SER A 333 0.28 3.27 -20.92
CA SER A 333 1.71 3.27 -21.20
C SER A 333 1.98 2.92 -22.64
N GLY A 334 1.12 2.09 -23.22
CA GLY A 334 1.33 1.62 -24.59
C GLY A 334 2.11 0.33 -24.68
N LYS A 335 2.78 -0.06 -23.60
CA LYS A 335 3.58 -1.29 -23.58
C LYS A 335 2.71 -2.52 -23.82
N ASP A 336 3.34 -3.68 -23.97
CA ASP A 336 2.60 -4.92 -24.11
C ASP A 336 2.64 -5.69 -22.81
N CYS A 337 2.96 -4.96 -21.75
CA CYS A 337 2.98 -5.53 -20.42
C CYS A 337 2.54 -4.47 -19.43
N LEU A 338 2.47 -4.85 -18.16
CA LEU A 338 1.99 -3.98 -17.11
C LEU A 338 3.15 -3.35 -16.37
N VAL A 339 3.29 -2.04 -16.48
CA VAL A 339 4.43 -1.35 -15.91
C VAL A 339 4.36 -1.28 -14.40
N PRO A 340 5.25 -1.98 -13.69
CA PRO A 340 5.21 -1.94 -12.24
C PRO A 340 5.54 -0.54 -11.70
N CYS A 341 4.70 0.01 -10.83
CA CYS A 341 4.95 1.28 -10.16
C CYS A 341 4.72 1.16 -8.66
N PHE A 342 5.39 1.99 -7.88
CA PHE A 342 5.14 2.03 -6.46
C PHE A 342 5.13 3.44 -5.94
N TRP A 343 4.67 3.60 -4.71
CA TRP A 343 4.66 4.87 -4.00
C TRP A 343 5.25 4.65 -2.64
N VAL A 344 5.84 5.68 -2.06
CA VAL A 344 6.30 5.64 -0.69
C VAL A 344 5.57 6.71 0.10
N GLU A 345 5.01 6.35 1.24
CA GLU A 345 4.44 7.34 2.14
C GLU A 345 5.57 7.92 2.98
N MET A 346 5.57 9.23 3.18
CA MET A 346 6.61 9.86 3.99
C MET A 346 6.00 10.53 5.19
N ILE A 347 5.97 9.81 6.30
CA ILE A 347 5.32 10.29 7.50
C ILE A 347 6.13 11.40 8.17
N ARG A 348 5.43 12.42 8.62
CA ARG A 348 6.05 13.51 9.37
C ARG A 348 5.20 13.74 10.61
N GLY A 349 5.80 14.26 11.66
CA GLY A 349 5.06 14.54 12.88
C GLY A 349 5.23 13.47 13.94
N LYS A 350 4.19 13.27 14.73
CA LYS A 350 4.18 12.24 15.77
C LYS A 350 4.13 10.85 15.16
N PRO A 351 4.77 9.87 15.79
CA PRO A 351 5.46 9.91 17.09
C PRO A 351 6.90 10.39 17.05
N GLU A 352 7.49 10.49 15.87
CA GLU A 352 8.91 10.79 15.76
C GLU A 352 9.28 12.27 15.98
N GLU A 353 8.33 13.17 15.73
CA GLU A 353 8.67 14.58 15.68
C GLU A 353 7.84 15.54 16.56
N LYS A 354 8.21 16.82 16.50
CA LYS A 354 7.89 17.83 17.51
C LYS A 354 6.58 18.55 17.24
N THR A 355 5.49 17.78 17.13
CA THR A 355 4.22 18.30 16.67
C THR A 355 3.07 17.82 17.51
N ILE A 356 1.87 18.33 17.23
CA ILE A 356 0.65 17.77 17.81
C ILE A 356 -0.01 16.94 16.73
N TRP A 357 0.56 16.94 15.55
CA TRP A 357 -0.05 16.30 14.42
C TRP A 357 0.81 15.20 13.82
N THR A 358 0.16 14.35 13.04
CA THR A 358 0.84 13.40 12.20
C THR A 358 0.19 13.50 10.83
N SER A 359 1.02 13.49 9.79
CA SER A 359 0.55 13.54 8.41
C SER A 359 1.61 12.88 7.54
N SER A 360 1.41 12.91 6.22
CA SER A 360 2.43 12.41 5.31
C SER A 360 2.24 12.90 3.87
N SER A 361 3.34 12.93 3.12
CA SER A 361 3.32 13.24 1.70
C SER A 361 3.82 12.03 0.93
N SER A 362 3.95 12.12 -0.39
CA SER A 362 4.29 10.92 -1.16
C SER A 362 5.16 11.18 -2.38
N ILE A 363 5.77 10.10 -2.88
CA ILE A 363 6.53 10.13 -4.12
C ILE A 363 6.10 8.89 -4.89
N VAL A 364 5.98 8.98 -6.20
CA VAL A 364 5.61 7.79 -6.96
C VAL A 364 6.69 7.49 -7.98
N MET A 365 6.95 6.22 -8.20
CA MET A 365 8.03 5.80 -9.07
C MET A 365 7.52 4.74 -10.03
N CYS A 366 8.12 4.65 -11.20
CA CYS A 366 7.64 3.69 -12.19
C CYS A 366 8.76 2.95 -12.88
N GLY A 367 8.52 1.67 -13.16
CA GLY A 367 9.50 0.80 -13.74
C GLY A 367 9.88 1.18 -15.15
N VAL A 368 11.18 1.35 -15.37
CA VAL A 368 11.71 1.65 -16.69
C VAL A 368 12.78 0.66 -17.06
N ASP A 369 13.23 0.72 -18.31
CA ASP A 369 14.15 -0.28 -18.83
C ASP A 369 15.62 0.00 -18.56
N TYR A 370 15.91 0.86 -17.58
CA TYR A 370 17.27 1.25 -17.28
C TYR A 370 17.48 1.37 -15.77
N GLU A 371 18.73 1.42 -15.36
CA GLU A 371 19.09 1.68 -13.97
C GLU A 371 18.97 3.17 -13.69
N ILE A 372 18.42 3.51 -12.53
CA ILE A 372 18.25 4.91 -12.14
C ILE A 372 19.14 5.27 -10.95
N ALA A 373 19.82 6.41 -11.04
CA ALA A 373 20.73 6.85 -9.99
C ALA A 373 20.01 7.03 -8.66
N ASP A 374 20.70 6.68 -7.57
CA ASP A 374 20.13 6.81 -6.24
C ASP A 374 20.00 8.27 -5.88
N TRP A 375 18.98 8.59 -5.09
CA TRP A 375 18.80 9.95 -4.60
C TRP A 375 17.76 9.95 -3.52
N SER A 376 17.37 11.14 -3.09
CA SER A 376 16.43 11.23 -2.01
C SER A 376 15.37 12.25 -2.39
N TRP A 377 14.20 11.78 -2.81
CA TRP A 377 13.14 12.72 -3.07
C TRP A 377 12.38 12.93 -1.78
N HIS A 378 13.06 13.50 -0.80
CA HIS A 378 12.52 13.56 0.55
C HIS A 378 11.38 14.58 0.75
N ASP A 379 10.70 14.46 1.88
CA ASP A 379 9.51 15.21 2.17
C ASP A 379 9.76 16.72 2.17
N GLY A 380 10.69 17.16 3.01
CA GLY A 380 11.16 18.53 2.95
C GLY A 380 10.42 19.56 3.76
N ALA A 381 9.46 19.11 4.56
CA ALA A 381 8.74 20.04 5.42
C ALA A 381 9.61 20.40 6.61
N ILE A 382 9.49 21.64 7.06
CA ILE A 382 10.24 22.13 8.20
C ILE A 382 9.38 22.14 9.46
N LEU A 383 9.65 21.24 10.39
CA LEU A 383 8.79 21.13 11.58
C LEU A 383 9.47 21.79 12.75
N PRO A 384 8.68 22.26 13.73
CA PRO A 384 7.22 22.23 13.90
C PRO A 384 6.50 23.29 13.07
N PHE A 385 5.18 23.23 12.98
CA PHE A 385 4.44 24.27 12.26
C PHE A 385 4.01 25.37 13.19
N ASP A 386 3.30 26.36 12.65
CA ASP A 386 2.75 27.44 13.45
C ASP A 386 1.79 26.92 14.51
N ILE A 387 1.06 25.85 14.17
CA ILE A 387 0.02 25.31 15.03
C ILE A 387 0.68 24.68 16.23
N ASP A 388 1.89 24.18 16.02
CA ASP A 388 2.61 23.53 17.08
C ASP A 388 3.20 24.55 18.05
N LYS A 389 3.00 25.82 17.74
CA LYS A 389 3.63 26.89 18.49
C LYS A 389 2.61 27.90 18.98
#